data_1HAG
#
_entry.id   1HAG
#
_cell.length_a   72.850
_cell.length_b   71.320
_cell.length_c   72.630
_cell.angle_alpha   90.00
_cell.angle_beta   101.10
_cell.angle_gamma   90.00
#
_symmetry.space_group_name_H-M   'C 1 2 1'
#
loop_
_entity.id
_entity.type
_entity.pdbx_description
1 polymer 'PRETHROMBIN 2'
2 polymer HIRUGEN
3 non-polymer 2-acetamido-2-deoxy-beta-D-glucopyranose
4 water water
#
loop_
_entity_poly.entity_id
_entity_poly.type
_entity_poly.pdbx_seq_one_letter_code
_entity_poly.pdbx_strand_id
1 'polypeptide(L)'
;TFGSGEADCGLRPLFEKKSLEDKTERELLESYIDGRIVEGSDAEIGMSPWQVMLFRKSPQELLCGASLISDRWVLTAAHC
LLYPPWDKNFTENDLLVRIGKHSRTRYERNIEKISMLEKIYIHPRYNWRENLDRDIALMKLKKPVAFSDYIHPVCLPDRE
TAASLLQAGYKGRVTGWGNLKETWTANVGKGQPSVLQVVNLPIVERPVCKDSTRIRITDNMFCAGYKPDEGKRGDACEGD
SGGPFVMKSPFNNRWYQMGIVSWGEGCDRDGKYGFYTHVFRLKKWIQKVIDQFGE
;
E
2 'polypeptide(L)' DFEEIPEE(TYS)L I
#
# COMPACT_ATOMS: atom_id res chain seq x y z
N THR A 1 8.88 6.53 21.72
CA THR A 1 9.59 5.68 20.76
C THR A 1 8.62 5.25 19.64
N PHE A 2 7.99 6.25 19.04
CA PHE A 2 7.07 6.05 17.91
C PHE A 2 7.87 6.03 16.61
N GLY A 3 7.49 5.07 15.77
CA GLY A 3 8.09 4.82 14.43
C GLY A 3 9.55 5.29 14.37
N SER A 4 10.26 5.37 15.45
CA SER A 4 11.66 5.77 15.66
C SER A 4 12.40 4.43 15.88
N GLY A 5 11.68 3.42 15.41
CA GLY A 5 11.84 1.97 15.37
C GLY A 5 10.59 1.37 16.08
N GLU A 6 10.25 0.19 15.61
CA GLU A 6 9.12 -0.59 16.21
C GLU A 6 9.41 -2.08 16.14
N ALA A 7 9.76 -2.63 17.28
CA ALA A 7 10.25 -3.93 17.71
C ALA A 7 9.71 -5.17 17.05
N ASP A 8 8.42 -5.23 17.12
CA ASP A 8 7.60 -6.28 16.53
C ASP A 8 7.21 -6.10 15.05
N CYS A 9 7.50 -4.96 14.44
CA CYS A 9 7.15 -4.72 13.05
C CYS A 9 7.46 -5.91 12.17
N GLY A 10 6.57 -6.18 11.21
CA GLY A 10 6.59 -7.08 10.14
C GLY A 10 6.67 -8.51 10.34
N LEU A 11 6.36 -8.87 11.61
CA LEU A 11 6.29 -10.34 11.99
C LEU A 11 4.78 -10.47 12.36
N ARG A 12 4.14 -11.17 11.44
CA ARG A 12 2.69 -11.41 11.42
C ARG A 12 2.28 -12.49 12.43
N PRO A 13 1.35 -12.08 13.31
CA PRO A 13 0.80 -12.96 14.30
C PRO A 13 0.45 -14.36 13.82
N LEU A 14 -0.20 -14.56 12.68
CA LEU A 14 -0.62 -15.82 12.13
C LEU A 14 0.36 -16.46 11.20
N PHE A 15 1.45 -15.86 10.82
CA PHE A 15 2.37 -16.58 9.90
C PHE A 15 3.79 -16.71 10.44
N GLU A 16 4.47 -15.59 10.67
CA GLU A 16 5.89 -15.72 11.02
C GLU A 16 6.06 -16.26 12.44
N LYS A 17 5.29 -15.66 13.33
CA LYS A 17 5.28 -16.01 14.71
C LYS A 17 4.91 -17.46 14.87
N LYS A 18 4.25 -18.22 14.05
CA LYS A 18 3.86 -19.60 14.32
C LYS A 18 4.63 -20.48 13.40
N SER A 19 5.62 -19.80 12.83
CA SER A 19 6.50 -20.46 11.83
C SER A 19 5.75 -21.05 10.67
N LEU A 20 4.70 -20.21 10.26
CA LEU A 20 3.80 -20.54 9.15
C LEU A 20 4.00 -19.56 7.97
N GLU A 21 4.00 -20.12 6.78
CA GLU A 21 4.17 -19.42 5.53
C GLU A 21 2.85 -19.18 4.80
N ASP A 22 2.65 -18.10 4.12
CA ASP A 22 1.47 -17.84 3.28
C ASP A 22 1.64 -18.63 2.00
N LYS A 23 0.58 -18.76 1.25
CA LYS A 23 0.55 -19.67 0.08
C LYS A 23 1.36 -19.26 -1.11
N THR A 24 1.90 -18.08 -1.08
CA THR A 24 2.67 -17.45 -2.17
C THR A 24 3.96 -16.77 -1.75
N GLU A 25 4.37 -16.89 -0.49
CA GLU A 25 5.52 -16.08 -0.11
C GLU A 25 6.81 -16.60 -0.68
N ARG A 26 6.87 -17.81 -1.17
CA ARG A 26 8.15 -18.35 -1.67
C ARG A 26 8.61 -17.54 -2.89
N GLU A 27 7.64 -17.17 -3.70
CA GLU A 27 7.87 -16.30 -4.86
C GLU A 27 8.76 -15.12 -4.47
N LEU A 28 8.43 -14.36 -3.47
CA LEU A 28 9.26 -13.23 -3.06
C LEU A 28 10.69 -13.73 -2.75
N LEU A 29 10.69 -15.00 -2.40
CA LEU A 29 11.90 -15.70 -1.93
C LEU A 29 12.91 -16.13 -2.97
N GLU A 30 12.63 -16.07 -4.26
CA GLU A 30 13.66 -16.46 -5.27
C GLU A 30 14.72 -15.38 -5.19
N SER A 31 15.66 -15.34 -6.11
CA SER A 31 16.66 -14.19 -6.18
C SER A 31 16.50 -13.81 -7.66
N TYR A 32 16.36 -14.93 -8.43
CA TYR A 32 16.08 -14.94 -9.89
C TYR A 32 14.57 -14.71 -10.01
N ILE A 33 14.08 -14.27 -11.16
CA ILE A 33 12.60 -14.14 -11.24
C ILE A 33 11.92 -15.05 -12.26
N ASP A 34 12.59 -15.12 -13.39
CA ASP A 34 11.99 -15.80 -14.58
C ASP A 34 11.20 -16.98 -14.08
N GLY A 35 9.86 -16.89 -14.18
CA GLY A 35 9.18 -18.15 -13.66
C GLY A 35 7.94 -17.81 -12.89
N ARG A 36 7.65 -18.54 -11.82
CA ARG A 36 6.31 -18.29 -11.21
C ARG A 36 5.85 -16.85 -11.28
N ILE A 37 4.88 -16.66 -12.23
CA ILE A 37 4.14 -15.38 -12.45
C ILE A 37 2.70 -15.62 -11.92
N VAL A 38 2.57 -15.60 -10.57
CA VAL A 38 1.24 -15.88 -9.98
C VAL A 38 0.18 -14.85 -10.38
N GLU A 39 -1.01 -15.35 -10.63
CA GLU A 39 -2.22 -14.51 -10.88
C GLU A 39 -2.50 -13.69 -9.62
N GLY A 40 -3.67 -13.13 -9.41
CA GLY A 40 -3.98 -12.30 -8.25
C GLY A 40 -5.08 -12.76 -7.34
N SER A 41 -4.83 -13.88 -6.72
CA SER A 41 -5.68 -14.56 -5.74
C SER A 41 -6.14 -13.61 -4.63
N ASP A 42 -7.05 -14.09 -3.84
CA ASP A 42 -7.66 -13.48 -2.67
C ASP A 42 -6.64 -13.61 -1.51
N ALA A 43 -6.58 -12.67 -0.61
CA ALA A 43 -5.63 -12.79 0.50
C ALA A 43 -6.13 -13.82 1.49
N GLU A 44 -5.18 -14.37 2.26
CA GLU A 44 -5.44 -15.31 3.37
C GLU A 44 -5.75 -14.44 4.58
N ILE A 45 -6.48 -14.96 5.53
CA ILE A 45 -6.84 -14.23 6.76
C ILE A 45 -5.43 -14.05 7.41
N GLY A 46 -5.16 -12.93 7.94
CA GLY A 46 -3.97 -12.41 8.55
C GLY A 46 -2.74 -12.23 7.63
N MET A 47 -2.80 -12.43 6.32
CA MET A 47 -1.69 -12.31 5.41
C MET A 47 -1.03 -10.96 5.29
N SER A 48 -1.80 -9.94 5.62
CA SER A 48 -1.38 -8.53 5.50
C SER A 48 -2.04 -7.70 6.58
N PRO A 49 -1.52 -7.75 7.81
CA PRO A 49 -2.04 -7.05 8.97
C PRO A 49 -1.98 -5.60 9.07
N TRP A 50 -1.04 -4.97 8.37
CA TRP A 50 -0.78 -3.54 8.28
C TRP A 50 -1.75 -2.99 7.22
N GLN A 51 -2.46 -3.75 6.40
CA GLN A 51 -3.41 -3.11 5.48
C GLN A 51 -4.47 -2.25 6.15
N VAL A 52 -4.62 -1.00 5.72
CA VAL A 52 -5.58 0.05 6.05
C VAL A 52 -6.55 0.39 4.89
N MET A 53 -7.72 0.97 5.17
CA MET A 53 -8.80 1.33 4.26
C MET A 53 -9.11 2.76 4.65
N LEU A 54 -9.01 3.66 3.68
CA LEU A 54 -9.31 5.07 3.97
C LEU A 54 -10.84 5.13 3.55
N PHE A 55 -11.58 5.71 4.48
CA PHE A 55 -13.03 5.69 4.39
C PHE A 55 -13.59 7.07 4.54
N ARG A 56 -14.45 7.29 3.50
CA ARG A 56 -15.10 8.62 3.42
C ARG A 56 -16.38 8.44 4.24
N LYS A 57 -16.41 9.31 5.23
CA LYS A 57 -17.46 9.41 6.26
C LYS A 57 -18.85 9.55 5.68
N SER A 58 -18.98 10.41 4.71
CA SER A 58 -20.15 10.66 3.89
C SER A 58 -19.85 11.44 2.60
N PRO A 59 -20.27 10.98 1.44
CA PRO A 59 -20.99 9.73 1.30
C PRO A 59 -19.99 8.64 1.70
N GLN A 60 -20.44 7.62 2.41
CA GLN A 60 -19.52 6.52 2.80
C GLN A 60 -18.93 5.74 1.64
N GLU A 61 -17.66 6.02 1.40
CA GLU A 61 -16.91 5.35 0.32
C GLU A 61 -15.46 5.02 0.76
N LEU A 62 -15.00 4.04 0.02
CA LEU A 62 -13.64 3.57 0.13
C LEU A 62 -12.85 4.60 -0.71
N LEU A 63 -12.16 5.52 -0.13
CA LEU A 63 -11.26 6.45 -0.80
C LEU A 63 -9.91 5.86 -1.27
N CYS A 64 -9.18 5.07 -0.50
CA CYS A 64 -7.84 4.59 -0.94
C CYS A 64 -7.35 3.51 0.05
N GLY A 65 -6.18 3.00 -0.20
CA GLY A 65 -5.36 2.07 0.57
C GLY A 65 -4.45 2.97 1.47
N ALA A 66 -3.88 2.28 2.46
CA ALA A 66 -3.03 2.86 3.46
C ALA A 66 -2.38 1.69 4.24
N SER A 67 -1.31 2.04 5.01
CA SER A 67 -0.58 0.98 5.71
C SER A 67 -0.25 1.45 7.11
N LEU A 68 -0.27 0.41 8.00
CA LEU A 68 -0.06 0.59 9.46
C LEU A 68 1.45 0.46 9.71
N ILE A 69 2.08 1.41 10.29
CA ILE A 69 3.52 1.41 10.55
C ILE A 69 3.86 1.61 12.05
N SER A 70 2.92 1.99 12.80
CA SER A 70 3.02 2.24 14.25
C SER A 70 1.64 1.91 14.83
N ASP A 71 1.28 2.33 16.01
CA ASP A 71 -0.06 1.92 16.57
C ASP A 71 -0.92 3.19 16.52
N ARG A 72 -0.17 4.22 16.15
CA ARG A 72 -0.67 5.57 16.01
C ARG A 72 -0.46 6.32 14.69
N TRP A 73 0.27 5.77 13.80
CA TRP A 73 0.65 6.31 12.49
C TRP A 73 0.35 5.40 11.30
N VAL A 74 -0.21 6.11 10.31
CA VAL A 74 -0.57 5.47 9.02
C VAL A 74 0.12 6.30 7.88
N LEU A 75 0.60 5.56 6.95
CA LEU A 75 1.21 5.93 5.69
C LEU A 75 0.27 5.68 4.50
N THR A 76 0.09 6.73 3.69
CA THR A 76 -0.66 6.69 2.39
C THR A 76 -0.07 7.53 1.30
N ALA A 77 -0.77 7.57 0.14
CA ALA A 77 -0.25 8.47 -1.00
C ALA A 77 -0.82 9.81 -0.80
N ALA A 78 -0.10 10.93 -0.79
CA ALA A 78 -0.67 12.28 -0.62
C ALA A 78 -1.81 12.56 -1.64
N HIS A 79 -1.81 11.97 -2.81
CA HIS A 79 -2.88 12.33 -3.80
C HIS A 79 -4.26 11.86 -3.35
N CYS A 80 -4.31 10.96 -2.35
CA CYS A 80 -5.52 10.36 -1.83
C CYS A 80 -6.32 11.42 -1.08
N LEU A 81 -5.65 12.39 -0.54
CA LEU A 81 -6.28 13.49 0.16
C LEU A 81 -6.25 14.84 -0.57
N LEU A 82 -5.23 15.14 -1.34
CA LEU A 82 -5.04 16.46 -1.99
C LEU A 82 -4.59 16.36 -3.45
N TYR A 83 -5.56 16.85 -4.27
CA TYR A 83 -5.41 16.77 -5.73
C TYR A 83 -6.26 17.83 -6.43
N PRO A 84 -5.71 19.03 -6.48
CA PRO A 84 -6.47 20.17 -7.02
C PRO A 84 -7.21 19.94 -8.31
N PRO A 85 -6.62 19.43 -9.37
CA PRO A 85 -7.30 19.20 -10.60
C PRO A 85 -8.60 18.45 -10.50
N TRP A 86 -8.81 17.66 -9.44
CA TRP A 86 -10.02 16.86 -9.26
C TRP A 86 -10.81 17.34 -8.05
N ASP A 87 -10.40 18.48 -7.59
CA ASP A 87 -11.12 19.14 -6.46
C ASP A 87 -11.04 18.41 -5.16
N LYS A 88 -10.20 17.40 -5.15
CA LYS A 88 -9.84 16.56 -3.97
C LYS A 88 -9.05 17.30 -2.90
N ASN A 89 -9.68 17.49 -1.75
CA ASN A 89 -8.96 18.20 -0.66
C ASN A 89 -9.59 17.91 0.68
N PHE A 90 -9.21 16.69 1.13
CA PHE A 90 -9.67 16.10 2.38
C PHE A 90 -9.03 16.55 3.67
N THR A 91 -9.93 16.52 4.63
CA THR A 91 -9.54 16.92 6.03
C THR A 91 -9.77 15.83 7.02
N GLU A 92 -9.12 15.97 8.15
CA GLU A 92 -9.16 15.06 9.30
C GLU A 92 -10.54 14.45 9.45
N ASN A 93 -11.50 15.33 9.73
CA ASN A 93 -12.89 15.03 9.93
C ASN A 93 -13.56 14.47 8.66
N ASP A 94 -12.89 14.34 7.51
CA ASP A 94 -13.69 13.80 6.38
C ASP A 94 -13.55 12.30 6.26
N LEU A 95 -12.50 11.77 6.90
CA LEU A 95 -12.24 10.33 6.84
C LEU A 95 -12.15 9.72 8.27
N LEU A 96 -12.09 8.41 8.15
CA LEU A 96 -11.87 7.40 9.16
C LEU A 96 -10.91 6.38 8.51
N VAL A 97 -10.13 5.71 9.32
CA VAL A 97 -9.32 4.56 8.86
C VAL A 97 -10.04 3.30 9.41
N ARG A 98 -9.85 2.21 8.72
CA ARG A 98 -10.34 0.91 8.98
C ARG A 98 -9.21 -0.09 8.81
N ILE A 99 -8.72 -0.52 9.99
CA ILE A 99 -7.74 -1.53 10.18
C ILE A 99 -8.28 -2.88 10.63
N GLY A 100 -7.70 -3.98 10.19
CA GLY A 100 -8.05 -5.34 10.46
C GLY A 100 -9.01 -6.06 9.55
N LYS A 101 -9.31 -5.52 8.35
CA LYS A 101 -10.24 -5.98 7.36
C LYS A 101 -9.79 -6.94 6.28
N HIS A 102 -10.80 -7.75 5.89
CA HIS A 102 -10.65 -8.75 4.82
C HIS A 102 -11.68 -8.34 3.75
N SER A 103 -12.93 -8.52 4.17
CA SER A 103 -14.10 -8.19 3.31
C SER A 103 -14.03 -6.70 3.01
N ARG A 104 -14.44 -6.41 1.76
CA ARG A 104 -14.42 -5.03 1.28
C ARG A 104 -15.61 -4.26 1.87
N THR A 105 -16.76 -4.91 2.00
CA THR A 105 -17.95 -4.16 2.42
C THR A 105 -18.66 -4.30 3.71
N ARG A 106 -18.45 -5.43 4.36
CA ARG A 106 -19.07 -5.72 5.67
C ARG A 106 -18.47 -4.95 6.81
N TYR A 107 -19.23 -4.42 7.75
CA TYR A 107 -18.41 -3.84 8.87
C TYR A 107 -17.86 -5.12 9.46
N GLU A 108 -16.61 -5.34 9.90
CA GLU A 108 -16.31 -6.70 10.41
C GLU A 108 -16.22 -6.75 11.91
N ARG A 109 -17.37 -6.87 12.52
CA ARG A 109 -17.56 -6.90 13.99
C ARG A 109 -16.58 -7.84 14.68
N ASN A 110 -15.90 -7.33 15.69
CA ASN A 110 -14.94 -7.99 16.56
C ASN A 110 -13.59 -8.22 15.94
N ILE A 111 -13.35 -7.72 14.74
CA ILE A 111 -12.08 -7.84 13.99
C ILE A 111 -11.52 -6.49 13.61
N GLU A 112 -12.19 -5.72 12.79
CA GLU A 112 -11.71 -4.40 12.37
C GLU A 112 -11.83 -3.41 13.49
N LYS A 113 -11.13 -2.34 13.45
CA LYS A 113 -11.11 -1.19 14.35
C LYS A 113 -11.09 0.02 13.38
N ILE A 114 -11.96 0.90 13.60
CA ILE A 114 -12.23 2.13 12.84
C ILE A 114 -11.70 3.27 13.68
N SER A 115 -10.74 4.06 13.25
CA SER A 115 -10.28 5.19 14.05
C SER A 115 -10.38 6.54 13.30
N MET A 116 -10.33 7.57 14.10
CA MET A 116 -10.37 8.96 13.66
C MET A 116 -8.95 9.50 13.51
N LEU A 117 -8.81 10.48 12.65
CA LEU A 117 -7.51 11.10 12.38
C LEU A 117 -7.45 12.40 13.20
N GLU A 118 -6.30 12.64 13.73
CA GLU A 118 -5.88 13.79 14.49
C GLU A 118 -5.17 14.87 13.69
N LYS A 119 -4.41 14.51 12.66
CA LYS A 119 -3.64 15.31 11.75
C LYS A 119 -3.15 14.50 10.56
N ILE A 120 -3.11 15.26 9.45
CA ILE A 120 -2.60 14.79 8.15
C ILE A 120 -1.37 15.68 7.77
N TYR A 121 -0.34 15.02 7.34
CA TYR A 121 0.94 15.62 6.99
C TYR A 121 1.28 15.19 5.57
N ILE A 122 1.22 16.20 4.66
CA ILE A 122 1.50 15.94 3.25
C ILE A 122 2.95 16.32 3.05
N HIS A 123 3.73 15.70 2.19
CA HIS A 123 5.11 16.23 2.07
C HIS A 123 5.00 17.61 1.53
N PRO A 124 5.80 18.56 1.99
CA PRO A 124 5.74 19.95 1.53
C PRO A 124 5.99 20.11 0.03
N ARG A 125 6.84 19.22 -0.47
CA ARG A 125 7.20 19.23 -1.88
C ARG A 125 6.55 18.19 -2.71
N TYR A 126 5.32 17.79 -2.42
CA TYR A 126 4.61 16.81 -3.33
C TYR A 126 4.13 17.65 -4.51
N ASN A 127 4.34 17.22 -5.69
CA ASN A 127 4.09 17.77 -6.98
C ASN A 127 2.85 17.25 -7.73
N TRP A 128 1.73 17.92 -7.39
CA TRP A 128 0.50 17.48 -8.12
C TRP A 128 0.55 18.15 -9.50
N ARG A 129 1.03 19.38 -9.59
CA ARG A 129 1.09 20.03 -10.88
C ARG A 129 1.69 19.11 -11.92
N GLU A 130 2.81 18.47 -11.82
CA GLU A 130 3.38 17.65 -12.90
C GLU A 130 3.31 16.17 -12.83
N ASN A 131 4.02 15.47 -11.96
CA ASN A 131 4.05 14.00 -11.95
C ASN A 131 3.78 13.32 -10.61
N LEU A 132 3.22 14.02 -9.61
CA LEU A 132 3.03 13.31 -8.37
C LEU A 132 4.37 12.96 -7.72
N ASP A 133 5.38 13.77 -7.81
CA ASP A 133 6.68 13.52 -7.15
C ASP A 133 6.51 13.77 -5.63
N ARG A 134 7.11 12.87 -4.83
CA ARG A 134 6.93 13.01 -3.33
C ARG A 134 5.47 12.84 -2.88
N ASP A 135 4.94 11.76 -3.41
CA ASP A 135 3.51 11.35 -3.15
C ASP A 135 3.48 10.47 -1.85
N ILE A 136 3.47 11.15 -0.72
CA ILE A 136 3.49 10.56 0.59
C ILE A 136 2.80 11.44 1.60
N ALA A 137 1.98 10.81 2.44
CA ALA A 137 1.21 11.55 3.49
C ALA A 137 1.27 10.59 4.72
N LEU A 138 1.19 11.22 5.82
CA LEU A 138 1.25 10.51 7.08
C LEU A 138 0.03 10.97 7.87
N MET A 139 -0.65 9.96 8.43
CA MET A 139 -1.80 10.35 9.26
C MET A 139 -1.56 9.74 10.64
N LYS A 140 -1.80 10.58 11.63
CA LYS A 140 -1.61 10.15 13.05
C LYS A 140 -3.02 9.98 13.63
N LEU A 141 -3.19 8.81 14.20
CA LEU A 141 -4.51 8.44 14.72
C LEU A 141 -4.86 9.28 15.95
N LYS A 142 -6.19 9.37 16.11
CA LYS A 142 -6.84 10.17 17.15
C LYS A 142 -6.65 9.51 18.50
N LYS A 143 -6.28 8.24 18.45
CA LYS A 143 -5.98 7.34 19.54
C LYS A 143 -5.30 6.07 19.07
N PRO A 144 -4.36 5.66 19.88
CA PRO A 144 -3.53 4.47 19.60
C PRO A 144 -4.37 3.28 19.23
N VAL A 145 -3.77 2.32 18.56
CA VAL A 145 -4.53 1.11 18.16
C VAL A 145 -3.85 -0.11 18.80
N ALA A 146 -4.63 -1.10 19.23
CA ALA A 146 -4.15 -2.30 19.86
C ALA A 146 -3.93 -3.34 18.76
N PHE A 147 -2.77 -3.95 18.73
CA PHE A 147 -2.41 -4.95 17.73
C PHE A 147 -3.22 -6.17 17.97
N SER A 148 -3.45 -7.00 16.96
CA SER A 148 -4.31 -8.18 17.21
C SER A 148 -3.67 -9.20 16.27
N ASP A 149 -4.29 -10.26 16.05
CA ASP A 149 -3.95 -11.35 15.16
C ASP A 149 -4.11 -10.79 13.70
N TYR A 150 -4.98 -9.79 13.62
CA TYR A 150 -5.37 -9.21 12.35
C TYR A 150 -4.76 -7.83 12.00
N ILE A 151 -4.34 -7.05 12.96
CA ILE A 151 -3.77 -5.78 13.09
C ILE A 151 -2.34 -5.67 13.69
N HIS A 152 -1.34 -5.43 12.82
CA HIS A 152 0.07 -5.39 13.21
C HIS A 152 0.86 -4.52 12.26
N PRO A 153 1.81 -3.69 12.70
CA PRO A 153 2.64 -2.81 11.89
C PRO A 153 3.65 -3.45 10.95
N VAL A 154 3.90 -2.66 9.85
CA VAL A 154 4.89 -3.27 8.86
C VAL A 154 6.20 -2.57 9.19
N CYS A 155 7.34 -3.13 8.83
CA CYS A 155 8.64 -2.34 9.10
C CYS A 155 8.92 -1.36 7.94
N LEU A 156 9.51 -0.25 8.20
CA LEU A 156 10.04 0.81 7.31
C LEU A 156 11.50 0.40 7.04
N PRO A 157 11.93 0.51 5.81
CA PRO A 157 13.27 0.03 5.46
C PRO A 157 14.34 1.01 5.94
N ASP A 158 15.52 0.37 5.94
CA ASP A 158 16.75 1.12 6.40
C ASP A 158 17.67 1.16 5.22
N ARG A 159 18.78 1.85 5.33
CA ARG A 159 19.71 1.93 4.19
C ARG A 159 19.98 0.60 3.50
N GLU A 160 20.41 -0.45 4.15
CA GLU A 160 20.79 -1.73 3.60
C GLU A 160 19.72 -2.60 3.01
N THR A 161 18.54 -2.50 3.67
CA THR A 161 17.39 -3.33 3.22
C THR A 161 17.05 -2.72 1.84
N ALA A 162 16.96 -1.42 1.82
CA ALA A 162 16.62 -0.70 0.57
C ALA A 162 17.64 -1.08 -0.46
N ALA A 163 18.91 -0.97 -0.16
CA ALA A 163 20.02 -1.35 -1.03
C ALA A 163 19.90 -2.76 -1.54
N SER A 164 19.81 -3.83 -0.73
CA SER A 164 19.71 -5.18 -1.27
C SER A 164 18.42 -5.71 -1.92
N LEU A 165 17.27 -5.28 -1.49
CA LEU A 165 15.99 -5.75 -1.92
C LEU A 165 15.53 -4.97 -3.16
N LEU A 166 15.68 -3.67 -3.14
CA LEU A 166 15.18 -2.87 -4.28
C LEU A 166 16.01 -3.21 -5.51
N GLN A 167 15.59 -4.23 -6.21
CA GLN A 167 16.42 -4.63 -7.35
C GLN A 167 15.62 -5.36 -8.41
N ALA A 168 15.98 -5.03 -9.66
CA ALA A 168 15.34 -5.56 -10.83
C ALA A 168 15.42 -7.09 -10.81
N GLY A 169 14.24 -7.68 -10.92
CA GLY A 169 14.14 -9.15 -10.89
C GLY A 169 13.50 -9.69 -9.60
N TYR A 170 13.50 -8.91 -8.55
CA TYR A 170 12.97 -9.13 -7.23
C TYR A 170 11.48 -8.73 -7.18
N LYS A 171 10.70 -9.68 -6.73
CA LYS A 171 9.22 -9.55 -6.52
C LYS A 171 8.96 -8.91 -5.17
N GLY A 172 7.99 -8.09 -5.20
CA GLY A 172 7.41 -7.28 -4.11
C GLY A 172 5.92 -7.73 -4.15
N ARG A 173 5.12 -7.17 -3.27
CA ARG A 173 3.77 -7.70 -3.19
C ARG A 173 2.85 -6.54 -3.00
N VAL A 174 1.74 -6.49 -3.74
CA VAL A 174 0.79 -5.41 -3.47
C VAL A 174 -0.49 -6.06 -2.91
N THR A 175 -1.23 -5.39 -2.13
CA THR A 175 -2.52 -6.00 -1.65
C THR A 175 -3.53 -4.86 -1.69
N GLY A 176 -4.84 -5.14 -1.89
CA GLY A 176 -5.78 -4.00 -1.86
C GLY A 176 -7.12 -4.52 -2.41
N TRP A 177 -8.06 -3.62 -2.34
CA TRP A 177 -9.47 -3.89 -2.83
C TRP A 177 -9.69 -3.48 -4.28
N GLY A 178 -8.69 -3.16 -5.07
CA GLY A 178 -8.68 -2.81 -6.48
C GLY A 178 -9.24 -1.46 -6.87
N ASN A 179 -9.07 -0.50 -6.01
CA ASN A 179 -9.45 0.90 -6.22
C ASN A 179 -8.58 1.55 -7.31
N LEU A 180 -7.57 0.85 -7.83
CA LEU A 180 -6.66 1.37 -8.87
C LEU A 180 -7.42 1.16 -10.19
N LYS A 181 -8.49 0.41 -9.98
CA LYS A 181 -9.50 0.15 -11.05
C LYS A 181 -10.67 1.13 -10.78
N GLU A 182 -10.54 2.31 -11.33
CA GLU A 182 -11.35 3.51 -11.34
C GLU A 182 -11.75 3.93 -12.77
N THR A 183 -12.24 2.93 -13.53
CA THR A 183 -12.65 3.13 -14.92
C THR A 183 -13.92 3.97 -15.15
N TRP A 184 -14.28 3.88 -16.43
CA TRP A 184 -15.48 4.60 -16.95
C TRP A 184 -16.12 3.74 -18.05
N THR A 185 -15.35 3.55 -19.09
CA THR A 185 -15.70 2.79 -20.30
C THR A 185 -15.68 1.31 -20.01
N ALA A 186 -15.25 1.02 -18.76
CA ALA A 186 -15.14 -0.43 -18.38
C ALA A 186 -16.51 -1.05 -18.12
N ASN A 187 -16.53 -2.33 -17.84
CA ASN A 187 -17.84 -3.02 -17.53
C ASN A 187 -17.41 -4.09 -16.50
N VAL A 188 -16.50 -3.57 -15.66
CA VAL A 188 -15.84 -4.34 -14.62
C VAL A 188 -16.67 -5.55 -14.17
N GLY A 189 -16.35 -6.62 -14.88
CA GLY A 189 -17.03 -7.91 -14.49
C GLY A 189 -15.86 -8.75 -13.89
N LYS A 190 -16.19 -9.93 -13.43
CA LYS A 190 -15.25 -10.88 -12.81
C LYS A 190 -14.33 -10.09 -11.88
N GLY A 191 -14.93 -9.05 -11.29
CA GLY A 191 -14.06 -8.13 -10.50
C GLY A 191 -14.70 -7.49 -9.29
N GLN A 192 -14.26 -6.24 -9.15
CA GLN A 192 -14.55 -5.43 -7.93
C GLN A 192 -14.62 -6.45 -6.78
N PRO A 193 -13.40 -6.73 -6.26
CA PRO A 193 -13.28 -7.72 -5.19
C PRO A 193 -14.29 -7.53 -4.07
N SER A 194 -14.61 -8.65 -3.43
CA SER A 194 -15.44 -8.83 -2.24
C SER A 194 -14.50 -8.83 -1.03
N VAL A 195 -13.41 -9.49 -1.26
CA VAL A 195 -12.28 -9.77 -0.35
C VAL A 195 -10.99 -9.09 -0.86
N LEU A 196 -10.09 -8.84 0.10
CA LEU A 196 -8.81 -8.26 -0.18
C LEU A 196 -8.07 -9.12 -1.19
N GLN A 197 -7.38 -8.49 -2.12
CA GLN A 197 -6.55 -9.30 -3.02
C GLN A 197 -5.04 -9.06 -2.84
N VAL A 198 -4.30 -10.00 -3.42
CA VAL A 198 -2.88 -10.10 -3.43
C VAL A 198 -2.28 -10.55 -4.75
N VAL A 199 -1.19 -9.89 -5.10
CA VAL A 199 -0.30 -10.16 -6.25
C VAL A 199 1.15 -9.72 -5.95
N ASN A 200 2.07 -10.51 -6.42
CA ASN A 200 3.50 -10.44 -6.37
C ASN A 200 3.99 -10.00 -7.76
N LEU A 201 4.62 -8.89 -7.86
CA LEU A 201 5.14 -8.29 -9.12
C LEU A 201 6.64 -8.14 -9.12
N PRO A 202 7.29 -8.20 -10.23
CA PRO A 202 8.74 -8.03 -10.29
C PRO A 202 9.15 -6.60 -10.39
N ILE A 203 10.18 -6.15 -9.67
CA ILE A 203 10.59 -4.76 -9.80
C ILE A 203 11.25 -4.60 -11.19
N VAL A 204 11.08 -3.40 -11.72
CA VAL A 204 11.63 -3.12 -13.07
C VAL A 204 12.75 -2.13 -13.02
N GLU A 205 13.67 -2.26 -13.94
CA GLU A 205 14.87 -1.45 -14.16
C GLU A 205 14.44 -0.04 -14.57
N ARG A 206 15.03 0.93 -13.99
CA ARG A 206 14.75 2.35 -14.20
C ARG A 206 14.49 2.83 -15.64
N PRO A 207 15.41 2.49 -16.57
CA PRO A 207 15.31 2.92 -17.96
C PRO A 207 14.06 2.24 -18.54
N VAL A 208 13.85 0.96 -18.35
CA VAL A 208 12.67 0.32 -18.83
C VAL A 208 11.42 0.99 -18.23
N CYS A 209 11.52 1.52 -17.05
CA CYS A 209 10.34 2.21 -16.52
C CYS A 209 10.15 3.51 -17.30
N LYS A 210 11.12 4.35 -17.36
CA LYS A 210 11.02 5.65 -18.04
C LYS A 210 10.45 5.65 -19.46
N ASP A 211 10.88 4.72 -20.26
CA ASP A 211 10.55 4.38 -21.64
C ASP A 211 9.19 3.69 -21.88
N SER A 212 8.26 3.71 -20.95
CA SER A 212 6.94 3.07 -21.06
C SER A 212 5.88 4.05 -20.67
N THR A 213 6.28 5.18 -20.22
CA THR A 213 5.41 6.27 -19.79
C THR A 213 5.99 7.50 -20.48
N ARG A 214 5.21 8.53 -20.39
CA ARG A 214 5.41 9.84 -20.95
C ARG A 214 5.62 10.71 -19.70
N ILE A 215 5.37 9.99 -18.59
CA ILE A 215 5.57 10.77 -17.30
C ILE A 215 7.06 10.93 -16.99
N ARG A 216 7.45 12.10 -16.49
CA ARG A 216 8.90 12.27 -16.15
C ARG A 216 9.14 11.60 -14.77
N ILE A 217 9.82 10.46 -14.79
CA ILE A 217 10.09 9.62 -13.63
C ILE A 217 11.29 10.15 -12.84
N THR A 218 11.11 10.36 -11.52
CA THR A 218 12.18 10.94 -10.67
C THR A 218 12.79 9.86 -9.81
N ASP A 219 13.75 10.20 -8.98
CA ASP A 219 14.48 9.31 -8.11
C ASP A 219 13.64 8.80 -6.93
N ASN A 220 12.64 9.53 -6.59
CA ASN A 220 11.61 9.14 -5.62
C ASN A 220 10.56 8.19 -6.22
N MET A 221 10.74 7.34 -7.19
CA MET A 221 9.70 6.48 -7.73
C MET A 221 10.38 5.20 -8.26
N PHE A 222 9.63 4.18 -8.31
CA PHE A 222 10.11 2.91 -8.95
C PHE A 222 8.88 2.37 -9.67
N CYS A 223 8.99 1.39 -10.49
CA CYS A 223 7.90 0.79 -11.25
C CYS A 223 8.08 -0.71 -11.10
N ALA A 224 7.04 -1.49 -11.14
CA ALA A 224 7.06 -2.95 -11.00
C ALA A 224 5.98 -3.49 -11.89
N GLY A 225 6.04 -4.66 -12.39
CA GLY A 225 4.97 -5.23 -13.21
C GLY A 225 5.66 -6.19 -14.17
N TYR A 226 4.86 -7.15 -14.60
CA TYR A 226 5.38 -8.14 -15.56
C TYR A 226 5.28 -7.39 -16.93
N LYS A 227 6.11 -7.95 -17.79
CA LYS A 227 6.30 -7.55 -19.18
C LYS A 227 5.04 -7.76 -19.97
N PRO A 228 4.48 -6.65 -20.44
CA PRO A 228 3.25 -6.75 -21.26
C PRO A 228 3.69 -7.84 -22.27
N ASP A 229 2.89 -8.91 -22.22
CA ASP A 229 3.19 -10.09 -23.08
C ASP A 229 1.91 -10.98 -23.06
N GLU A 230 2.15 -12.17 -23.59
CA GLU A 230 1.22 -13.29 -23.65
C GLU A 230 0.74 -13.69 -22.28
N GLY A 231 1.61 -14.32 -21.48
CA GLY A 231 1.17 -14.73 -20.12
C GLY A 231 1.77 -13.82 -19.06
N LYS A 232 1.00 -12.86 -18.57
CA LYS A 232 1.47 -11.92 -17.55
C LYS A 232 0.57 -11.92 -16.32
N ARG A 233 0.45 -13.07 -15.65
CA ARG A 233 -0.44 -13.10 -14.47
C ARG A 233 0.11 -12.30 -13.29
N GLY A 234 -0.70 -11.30 -13.00
CA GLY A 234 -0.49 -10.33 -11.92
C GLY A 234 -0.66 -8.91 -12.46
N ASP A 235 -1.53 -8.16 -11.82
CA ASP A 235 -1.69 -6.79 -12.31
C ASP A 235 -1.59 -5.84 -11.13
N ALA A 236 -0.84 -4.82 -11.49
CA ALA A 236 -0.54 -3.70 -10.63
C ALA A 236 -1.83 -3.04 -10.18
N CYS A 237 -2.70 -3.09 -11.21
CA CYS A 237 -4.02 -2.42 -11.18
C CYS A 237 -4.88 -3.08 -10.14
N GLU A 238 -4.32 -4.17 -9.63
CA GLU A 238 -4.92 -4.98 -8.57
C GLU A 238 -4.89 -4.38 -7.17
N GLY A 239 -4.17 -3.33 -6.93
CA GLY A 239 -4.04 -2.70 -5.62
C GLY A 239 -4.97 -1.50 -5.49
N ASP A 240 -4.70 -0.71 -4.50
CA ASP A 240 -5.38 0.49 -4.12
C ASP A 240 -4.29 1.60 -4.08
N SER A 241 -4.69 2.69 -4.59
CA SER A 241 -3.90 3.93 -4.64
C SER A 241 -3.63 4.16 -3.15
N GLY A 242 -2.45 4.57 -2.78
CA GLY A 242 -1.98 4.80 -1.45
C GLY A 242 -1.71 3.49 -0.68
N GLY A 243 -2.01 2.35 -1.18
CA GLY A 243 -1.78 1.11 -0.43
C GLY A 243 -0.27 0.79 -0.45
N PRO A 244 -0.03 -0.38 0.21
CA PRO A 244 1.34 -0.87 0.38
C PRO A 244 2.00 -1.70 -0.67
N PHE A 245 3.27 -1.48 -0.93
CA PHE A 245 4.15 -2.30 -1.80
C PHE A 245 5.22 -2.85 -0.78
N VAL A 246 5.34 -4.13 -0.60
CA VAL A 246 6.15 -4.77 0.43
C VAL A 246 6.99 -5.96 -0.01
N MET A 247 8.12 -6.03 0.71
CA MET A 247 9.03 -7.23 0.45
C MET A 247 9.32 -7.95 1.79
N LYS A 248 9.56 -9.23 1.84
CA LYS A 248 9.96 -10.01 3.01
C LYS A 248 11.50 -10.15 3.06
N SER A 249 12.15 -9.57 4.08
CA SER A 249 13.61 -9.74 4.12
C SER A 249 13.97 -11.22 4.26
N PRO A 250 14.94 -11.64 3.42
CA PRO A 250 15.46 -13.02 3.47
C PRO A 250 16.54 -13.09 4.63
N PHE A 251 17.00 -11.99 5.19
CA PHE A 251 17.98 -11.91 6.26
C PHE A 251 17.43 -12.17 7.68
N ASN A 252 16.35 -11.43 7.90
CA ASN A 252 15.62 -11.49 9.16
C ASN A 252 14.17 -11.88 9.10
N ASN A 253 13.58 -12.29 8.05
CA ASN A 253 12.24 -12.74 7.76
C ASN A 253 11.08 -11.76 7.94
N ARG A 254 11.36 -10.55 8.13
CA ARG A 254 10.41 -9.49 8.34
C ARG A 254 10.05 -8.88 6.95
N TRP A 255 8.93 -8.22 7.07
CA TRP A 255 8.22 -7.55 6.04
C TRP A 255 8.44 -6.07 6.23
N TYR A 256 8.89 -5.45 5.11
CA TYR A 256 9.05 -4.03 5.08
C TYR A 256 8.18 -3.46 3.88
N GLN A 257 7.81 -2.21 4.01
CA GLN A 257 7.07 -1.44 3.01
C GLN A 257 8.10 -0.72 2.11
N MET A 258 8.25 -1.12 0.86
CA MET A 258 9.25 -0.39 0.01
C MET A 258 8.70 0.72 -0.87
N GLY A 259 7.36 0.63 -1.15
CA GLY A 259 6.66 1.60 -2.01
C GLY A 259 5.21 1.89 -1.61
N ILE A 260 4.70 3.04 -2.00
CA ILE A 260 3.31 3.40 -1.87
C ILE A 260 2.71 3.44 -3.30
N VAL A 261 1.70 2.68 -3.64
CA VAL A 261 0.96 2.65 -4.92
C VAL A 261 0.66 4.09 -5.35
N SER A 262 1.32 4.52 -6.43
CA SER A 262 1.20 5.87 -6.92
C SER A 262 0.20 6.06 -8.07
N TRP A 263 0.39 5.44 -9.17
CA TRP A 263 -0.45 5.54 -10.39
C TRP A 263 -0.18 4.17 -11.06
N GLY A 264 -0.98 3.80 -11.90
CA GLY A 264 -0.69 2.66 -12.78
C GLY A 264 -0.80 3.08 -14.24
N GLU A 265 -0.09 2.37 -15.08
CA GLU A 265 -0.11 2.62 -16.53
C GLU A 265 -0.90 1.53 -17.25
N GLY A 266 -1.33 1.93 -18.44
CA GLY A 266 -2.11 1.12 -19.37
C GLY A 266 -3.02 0.17 -18.60
N CYS A 267 -3.57 0.76 -17.49
CA CYS A 267 -4.46 -0.09 -16.63
C CYS A 267 -5.72 -0.42 -17.46
N ASP A 268 -5.55 -1.27 -18.46
CA ASP A 268 -6.66 -1.62 -19.37
C ASP A 268 -6.36 -2.88 -20.17
N ARG A 269 -5.32 -2.80 -21.00
CA ARG A 269 -4.90 -3.91 -21.89
C ARG A 269 -3.48 -3.60 -22.36
N ASP A 270 -3.09 -2.36 -22.57
CA ASP A 270 -1.74 -2.01 -22.96
C ASP A 270 -0.76 -2.06 -21.76
N GLY A 271 0.15 -3.01 -21.97
CA GLY A 271 1.27 -3.48 -21.16
C GLY A 271 2.19 -2.44 -20.55
N LYS A 272 1.64 -1.96 -19.41
CA LYS A 272 2.40 -0.92 -18.66
C LYS A 272 2.57 -1.42 -17.24
N TYR A 273 3.08 -0.51 -16.42
CA TYR A 273 3.37 -0.85 -15.04
C TYR A 273 2.70 0.07 -14.03
N GLY A 274 3.07 -0.26 -12.78
CA GLY A 274 2.64 0.48 -11.61
C GLY A 274 3.82 1.40 -11.16
N PHE A 275 3.49 2.55 -10.66
CA PHE A 275 4.50 3.45 -10.21
C PHE A 275 4.28 3.62 -8.73
N TYR A 276 5.38 3.53 -7.99
CA TYR A 276 5.36 3.73 -6.54
C TYR A 276 6.31 4.75 -5.97
N THR A 277 5.91 5.43 -4.91
CA THR A 277 6.80 6.28 -4.14
C THR A 277 7.79 5.31 -3.41
N HIS A 278 9.05 5.70 -3.50
CA HIS A 278 10.24 5.05 -2.97
C HIS A 278 10.36 5.41 -1.47
N VAL A 279 9.85 4.51 -0.63
CA VAL A 279 9.76 4.84 0.82
C VAL A 279 11.14 5.20 1.34
N PHE A 280 12.14 4.35 1.05
CA PHE A 280 13.50 4.67 1.59
C PHE A 280 13.88 6.07 1.21
N ARG A 281 13.79 6.67 0.03
CA ARG A 281 14.26 8.04 -0.16
C ARG A 281 13.48 9.06 0.61
N LEU A 282 12.30 8.85 1.08
CA LEU A 282 11.45 9.90 1.72
C LEU A 282 11.47 9.79 3.25
N LYS A 283 12.15 8.75 3.64
CA LYS A 283 12.28 8.31 5.01
C LYS A 283 12.77 9.31 6.07
N LYS A 284 13.64 10.28 5.63
CA LYS A 284 14.09 11.26 6.59
C LYS A 284 13.00 12.26 6.87
N TRP A 285 12.12 12.48 5.90
CA TRP A 285 10.92 13.34 6.03
C TRP A 285 10.01 12.75 7.14
N ILE A 286 9.69 11.45 6.93
CA ILE A 286 8.89 10.56 7.79
C ILE A 286 9.49 10.69 9.23
N GLN A 287 10.72 10.22 9.24
CA GLN A 287 11.59 10.25 10.44
C GLN A 287 11.30 11.45 11.30
N LYS A 288 11.30 12.60 10.66
CA LYS A 288 10.98 13.83 11.38
C LYS A 288 9.53 14.23 11.39
N VAL A 289 8.53 13.93 10.56
CA VAL A 289 7.23 14.51 10.98
C VAL A 289 6.94 13.85 12.35
N ILE A 290 7.21 12.61 12.48
CA ILE A 290 6.99 11.78 13.64
C ILE A 290 7.76 12.24 14.89
N ASP A 291 9.06 12.02 14.83
CA ASP A 291 10.03 12.33 15.86
C ASP A 291 9.73 13.72 16.44
N GLN A 292 8.97 14.52 15.76
CA GLN A 292 8.73 15.91 16.25
C GLN A 292 7.29 16.34 16.25
N PHE A 293 6.44 15.51 15.64
CA PHE A 293 5.01 15.77 15.52
C PHE A 293 4.09 14.82 16.33
N GLY A 294 2.89 15.36 16.32
CA GLY A 294 1.64 15.05 16.95
C GLY A 294 1.02 16.37 17.48
N GLU A 295 -0.29 16.41 17.68
CA GLU A 295 -1.02 17.58 18.17
C GLU A 295 -2.14 17.17 19.16
N ASP B 1 -22.66 -0.60 -1.82
CA ASP B 1 -22.38 -2.01 -1.40
C ASP B 1 -22.06 -2.01 0.10
N PHE B 2 -21.38 -1.00 0.62
CA PHE B 2 -20.92 -0.77 1.95
C PHE B 2 -21.90 -0.89 3.10
N GLU B 3 -21.64 -1.90 3.93
CA GLU B 3 -22.44 -2.14 5.11
C GLU B 3 -22.17 -0.96 6.04
N GLU B 4 -23.24 -0.67 6.72
CA GLU B 4 -23.31 0.49 7.64
C GLU B 4 -22.50 0.20 8.87
N ILE B 5 -21.73 1.19 9.26
CA ILE B 5 -20.85 1.08 10.41
C ILE B 5 -21.38 1.91 11.56
N PRO B 6 -21.16 1.43 12.78
CA PRO B 6 -21.62 2.06 13.99
C PRO B 6 -21.56 3.55 14.05
N GLU B 7 -22.78 4.06 14.37
CA GLU B 7 -23.00 5.49 14.55
C GLU B 7 -21.95 6.07 15.47
N GLU B 8 -21.26 5.19 16.20
CA GLU B 8 -20.27 5.69 17.15
C GLU B 8 -18.98 6.17 16.52
N LEU B 10 -18.65 8.44 13.77
CA LEU B 10 -18.81 9.74 13.08
C LEU B 10 -18.58 10.95 13.90
#